data_6OWJ
#
_entry.id   6OWJ
#
_cell.length_a   61.230
_cell.length_b   62.450
_cell.length_c   67.880
_cell.angle_alpha   90.00
_cell.angle_beta   95.74
_cell.angle_gamma   90.00
#
_symmetry.space_group_name_H-M   'P 1 21 1'
#
loop_
_entity.id
_entity.type
_entity.pdbx_description
1 polymer 'Splicing factor, proline- and glutamine-rich'
2 non-polymer 'ZINC ION'
3 water water
#
_entity_poly.entity_id   1
_entity_poly.type   'polypeptide(L)'
_entity_poly.pdbx_seq_one_letter_code
;GAMEGFKANLSLLRRPGEKTYTQRCRLFVGNLPADITEDEFKRLFAKYGEPGEVFINKGKGFGFIKLESRALAEIAKAEL
DDTPMRGRQLRVRFATHAAALSVRNLSPYVSNELLEEAFSQFGPIERAVVIVDDRGRSTGKGIVEFASKPAARKAFERCS
EGVFLLTTTPRPVIVEPLEQLDDEDGLPEKLAQKNPMYQKERETPPRFAQHGTFEYEYSQRWKSLDEMEKQQREQVEKNM
KDAKDKLESEMEDAYHEHQANLL
;
_entity_poly.pdbx_strand_id   A,B
#
loop_
_chem_comp.id
_chem_comp.type
_chem_comp.name
_chem_comp.formula
ZN non-polymer 'ZINC ION' 'Zn 2'
#
# COMPACT_ATOMS: atom_id res chain seq x y z
N LEU A 12 12.26 27.37 -2.67
CA LEU A 12 11.24 28.20 -2.00
C LEU A 12 10.74 29.39 -2.85
N LEU A 13 11.32 29.61 -4.07
CA LEU A 13 10.93 30.73 -4.95
C LEU A 13 9.51 30.61 -5.46
N ARG A 14 9.17 29.44 -5.99
CA ARG A 14 7.85 29.11 -6.50
C ARG A 14 7.23 28.07 -5.57
N ARG A 15 5.93 28.24 -5.29
CA ARG A 15 5.14 27.34 -4.46
C ARG A 15 5.10 25.95 -5.11
N PRO A 16 5.33 24.86 -4.33
CA PRO A 16 5.32 23.49 -4.92
C PRO A 16 3.95 23.11 -5.50
N GLY A 17 2.92 23.74 -4.97
CA GLY A 17 1.53 23.53 -5.35
C GLY A 17 0.58 24.34 -4.50
N GLU A 18 -0.65 23.81 -4.32
CA GLU A 18 -1.68 24.48 -3.53
C GLU A 18 -1.39 24.50 -2.02
N LYS A 19 -0.80 23.42 -1.45
CA LYS A 19 -0.53 23.30 -0.01
C LYS A 19 0.91 22.95 0.34
N THR A 20 1.49 23.71 1.28
CA THR A 20 2.85 23.52 1.79
C THR A 20 2.81 23.15 3.28
N TYR A 21 3.94 22.62 3.80
CA TYR A 21 4.08 22.26 5.20
C TYR A 21 2.94 21.36 5.67
N THR A 22 2.51 20.43 4.82
CA THR A 22 1.44 19.48 5.14
C THR A 22 2.01 18.32 5.98
N GLN A 23 1.14 17.40 6.41
CA GLN A 23 1.59 16.22 7.14
C GLN A 23 2.37 15.24 6.24
N ARG A 24 2.23 15.35 4.89
CA ARG A 24 3.06 14.57 3.97
C ARG A 24 4.47 15.13 3.90
N CYS A 25 4.69 16.32 4.47
CA CYS A 25 5.99 17.01 4.52
C CYS A 25 6.61 16.78 5.91
N ARG A 26 5.97 15.98 6.77
CA ARG A 26 6.46 15.79 8.12
C ARG A 26 7.40 14.61 8.26
N LEU A 27 8.58 14.86 8.87
CA LEU A 27 9.51 13.75 9.11
C LEU A 27 9.59 13.45 10.58
N PHE A 28 9.76 12.17 10.89
CA PHE A 28 10.00 11.66 12.23
C PHE A 28 11.53 11.44 12.28
N VAL A 29 12.15 11.82 13.38
CA VAL A 29 13.57 11.63 13.56
C VAL A 29 13.77 10.95 14.90
N GLY A 30 14.33 9.74 14.86
CA GLY A 30 14.59 8.97 16.06
C GLY A 30 16.08 8.85 16.34
N ASN A 31 16.39 8.40 17.59
CA ASN A 31 17.71 8.19 18.15
C ASN A 31 18.47 9.48 18.36
N LEU A 32 17.76 10.53 18.79
CA LEU A 32 18.35 11.84 19.05
C LEU A 32 19.19 11.76 20.32
N PRO A 33 20.31 12.49 20.43
CA PRO A 33 21.06 12.49 21.72
C PRO A 33 20.22 13.09 22.85
N ALA A 34 20.52 12.69 24.11
CA ALA A 34 19.82 13.15 25.32
C ALA A 34 19.85 14.66 25.54
N ASP A 35 20.96 15.31 25.15
CA ASP A 35 21.14 16.76 25.30
C ASP A 35 20.70 17.60 24.07
N ILE A 36 19.88 17.01 23.16
CA ILE A 36 19.38 17.73 21.98
C ILE A 36 18.70 19.05 22.34
N THR A 37 18.91 20.06 21.50
CA THR A 37 18.26 21.37 21.66
C THR A 37 17.45 21.62 20.39
N GLU A 38 16.47 22.54 20.48
CA GLU A 38 15.64 22.94 19.37
C GLU A 38 16.50 23.54 18.26
N ASP A 39 17.51 24.38 18.64
CA ASP A 39 18.45 25.02 17.73
C ASP A 39 19.28 24.00 16.95
N GLU A 40 19.79 22.97 17.65
CA GLU A 40 20.57 21.87 17.07
C GLU A 40 19.72 21.10 16.03
N PHE A 41 18.50 20.71 16.43
CA PHE A 41 17.53 19.97 15.61
C PHE A 41 17.18 20.78 14.37
N LYS A 42 16.90 22.09 14.53
CA LYS A 42 16.62 22.98 13.40
C LYS A 42 17.85 23.07 12.48
N ARG A 43 19.07 23.17 13.05
CA ARG A 43 20.34 23.22 12.29
C ARG A 43 20.56 21.98 11.47
N LEU A 44 20.14 20.82 11.97
CA LEU A 44 20.21 19.53 11.28
C LEU A 44 19.51 19.62 9.90
N PHE A 45 18.37 20.37 9.84
CA PHE A 45 17.52 20.56 8.67
C PHE A 45 17.66 21.91 7.92
N ALA A 46 18.65 22.75 8.31
CA ALA A 46 18.89 24.11 7.76
C ALA A 46 19.01 24.21 6.24
N LYS A 47 19.53 23.21 5.57
CA LYS A 47 19.68 23.28 4.12
C LYS A 47 18.41 22.94 3.38
N TYR A 48 17.32 22.60 4.10
CA TYR A 48 16.05 22.27 3.48
C TYR A 48 15.01 23.38 3.63
N GLY A 49 15.50 24.62 3.60
CA GLY A 49 14.67 25.82 3.67
C GLY A 49 14.15 26.14 5.05
N GLU A 50 13.13 27.01 5.11
CA GLU A 50 12.51 27.47 6.35
C GLU A 50 11.76 26.31 7.05
N PRO A 51 12.15 25.98 8.31
CA PRO A 51 11.46 24.88 9.01
C PRO A 51 10.03 25.28 9.31
N GLY A 52 9.15 24.29 9.37
CA GLY A 52 7.75 24.50 9.73
C GLY A 52 7.62 24.16 11.20
N GLU A 53 6.50 23.60 11.63
CA GLU A 53 6.34 23.18 13.05
C GLU A 53 7.39 22.16 13.40
N VAL A 54 7.96 22.30 14.59
CA VAL A 54 8.97 21.41 15.15
C VAL A 54 8.43 20.94 16.48
N PHE A 55 8.49 19.62 16.76
CA PHE A 55 8.06 19.04 18.02
C PHE A 55 9.20 18.14 18.46
N ILE A 56 9.74 18.33 19.67
CA ILE A 56 10.86 17.45 20.09
C ILE A 56 10.56 16.79 21.41
N ASN A 57 10.65 15.46 21.45
CA ASN A 57 10.49 14.77 22.71
C ASN A 57 11.88 14.47 23.20
N LYS A 58 12.45 15.45 23.91
CA LYS A 58 13.81 15.33 24.43
C LYS A 58 13.99 14.10 25.37
N GLY A 59 12.96 13.81 26.17
CA GLY A 59 12.97 12.71 27.12
C GLY A 59 12.95 11.32 26.50
N LYS A 60 12.42 11.19 25.27
CA LYS A 60 12.32 9.90 24.58
C LYS A 60 13.17 9.80 23.32
N GLY A 61 13.98 10.83 23.03
CA GLY A 61 14.93 10.83 21.93
C GLY A 61 14.37 10.91 20.53
N PHE A 62 13.21 11.59 20.35
CA PHE A 62 12.68 11.70 18.99
C PHE A 62 12.08 13.06 18.73
N GLY A 63 11.90 13.40 17.48
CA GLY A 63 11.27 14.67 17.12
C GLY A 63 10.57 14.59 15.79
N PHE A 64 9.83 15.65 15.49
CA PHE A 64 9.19 15.77 14.20
C PHE A 64 9.51 17.15 13.66
N ILE A 65 9.57 17.26 12.33
CA ILE A 65 9.78 18.52 11.60
C ILE A 65 8.95 18.50 10.33
N LYS A 66 8.32 19.63 9.99
CA LYS A 66 7.58 19.82 8.75
C LYS A 66 8.43 20.70 7.86
N LEU A 67 8.71 20.21 6.67
CA LEU A 67 9.44 20.98 5.68
C LEU A 67 8.45 21.59 4.71
N GLU A 68 8.88 22.49 3.82
CA GLU A 68 7.91 23.21 2.97
C GLU A 68 7.24 22.34 1.91
N SER A 69 7.95 21.35 1.36
CA SER A 69 7.32 20.53 0.32
C SER A 69 7.69 19.09 0.53
N ARG A 70 6.96 18.20 -0.13
CA ARG A 70 7.18 16.75 -0.07
C ARG A 70 8.58 16.43 -0.61
N ALA A 71 8.95 17.07 -1.73
CA ALA A 71 10.27 16.88 -2.36
C ALA A 71 11.35 17.25 -1.32
N LEU A 72 11.19 18.38 -0.57
CA LEU A 72 12.23 18.70 0.45
C LEU A 72 12.33 17.66 1.55
N ALA A 73 11.19 17.11 1.98
CA ALA A 73 11.18 16.07 3.01
C ALA A 73 11.84 14.80 2.47
N GLU A 74 11.59 14.47 1.18
CA GLU A 74 12.19 13.28 0.53
C GLU A 74 13.70 13.37 0.45
N ILE A 75 14.21 14.59 0.17
CA ILE A 75 15.65 14.83 0.07
C ILE A 75 16.29 14.71 1.46
N ALA A 76 15.70 15.42 2.47
CA ALA A 76 16.17 15.40 3.86
C ALA A 76 16.22 13.98 4.38
N LYS A 77 15.17 13.20 4.12
CA LYS A 77 15.12 11.80 4.55
C LYS A 77 16.27 10.99 3.95
N ALA A 78 16.45 11.09 2.62
CA ALA A 78 17.49 10.36 1.89
C ALA A 78 18.89 10.79 2.32
N GLU A 79 19.08 12.08 2.61
CA GLU A 79 20.38 12.62 3.03
C GLU A 79 20.72 12.44 4.52
N LEU A 80 19.71 12.50 5.41
CA LEU A 80 19.95 12.42 6.86
C LEU A 80 19.72 11.05 7.48
N ASP A 81 18.96 10.17 6.83
CA ASP A 81 18.75 8.88 7.45
C ASP A 81 20.08 8.14 7.60
N ASP A 82 20.24 7.48 8.77
CA ASP A 82 21.43 6.69 9.11
C ASP A 82 22.74 7.50 9.02
N THR A 83 22.72 8.74 9.54
CA THR A 83 23.88 9.60 9.64
C THR A 83 24.14 9.87 11.14
N PRO A 84 25.43 9.97 11.54
CA PRO A 84 25.74 10.17 12.97
C PRO A 84 25.41 11.55 13.54
N MET A 85 25.09 11.56 14.83
CA MET A 85 24.89 12.74 15.64
C MET A 85 25.35 12.33 17.03
N ARG A 86 26.59 12.73 17.41
CA ARG A 86 27.21 12.45 18.70
C ARG A 86 27.17 10.98 19.12
N GLY A 87 27.64 10.12 18.23
CA GLY A 87 27.73 8.69 18.46
C GLY A 87 26.48 7.89 18.24
N ARG A 88 25.42 8.53 17.71
CA ARG A 88 24.16 7.83 17.45
C ARG A 88 23.76 7.98 16.02
N GLN A 89 23.30 6.89 15.41
CA GLN A 89 22.83 6.88 14.03
C GLN A 89 21.38 7.34 14.03
N LEU A 90 21.11 8.50 13.44
CA LEU A 90 19.74 9.02 13.33
C LEU A 90 18.90 8.12 12.49
N ARG A 91 17.64 7.95 12.88
CA ARG A 91 16.71 7.19 12.08
C ARG A 91 15.73 8.26 11.51
N VAL A 92 15.71 8.49 10.20
CA VAL A 92 14.79 9.50 9.61
C VAL A 92 13.75 8.81 8.76
N ARG A 93 12.49 9.12 9.04
CA ARG A 93 11.35 8.47 8.33
C ARG A 93 10.19 9.44 8.12
N PHE A 94 9.33 9.13 7.16
CA PHE A 94 8.12 9.96 6.97
C PHE A 94 7.21 9.70 8.16
N ALA A 95 6.73 10.78 8.77
CA ALA A 95 5.83 10.64 9.93
C ALA A 95 4.54 10.01 9.42
N THR A 96 4.03 9.04 10.16
CA THR A 96 2.79 8.43 9.71
C THR A 96 1.65 9.45 9.82
N HIS A 97 0.81 9.53 8.79
CA HIS A 97 -0.24 10.54 8.75
C HIS A 97 -1.23 10.37 9.86
N ALA A 98 -1.36 11.41 10.71
CA ALA A 98 -2.23 11.45 11.89
C ALA A 98 -3.67 11.87 11.63
N ALA A 99 -4.00 12.34 10.43
CA ALA A 99 -5.36 12.82 10.15
C ALA A 99 -5.79 12.29 8.75
N ALA A 100 -5.67 10.95 8.56
CA ALA A 100 -5.92 10.34 7.25
C ALA A 100 -7.07 9.37 7.31
N LEU A 101 -7.82 9.25 6.20
CA LEU A 101 -8.92 8.31 6.13
C LEU A 101 -8.89 7.50 4.89
N SER A 102 -9.43 6.28 4.97
CA SER A 102 -9.64 5.43 3.82
C SER A 102 -11.11 5.67 3.39
N VAL A 103 -11.33 5.74 2.09
CA VAL A 103 -12.64 5.85 1.48
C VAL A 103 -12.79 4.74 0.48
N ARG A 104 -13.99 4.14 0.41
CA ARG A 104 -14.28 3.11 -0.60
C ARG A 104 -15.71 3.19 -1.10
N ASN A 105 -16.09 2.30 -2.01
CA ASN A 105 -17.37 2.32 -2.71
C ASN A 105 -17.46 3.52 -3.66
N LEU A 106 -16.31 4.01 -4.13
CA LEU A 106 -16.28 5.16 -5.02
C LEU A 106 -16.68 4.77 -6.42
N SER A 107 -17.40 5.64 -7.10
CA SER A 107 -17.72 5.41 -8.51
C SER A 107 -16.39 5.45 -9.28
N PRO A 108 -16.22 4.73 -10.42
CA PRO A 108 -14.95 4.85 -11.18
C PRO A 108 -14.73 6.22 -11.82
N TYR A 109 -15.77 7.10 -11.81
CA TYR A 109 -15.68 8.45 -12.38
C TYR A 109 -15.47 9.56 -11.32
N VAL A 110 -15.07 9.16 -10.12
CA VAL A 110 -14.68 10.12 -9.08
C VAL A 110 -13.17 10.30 -9.30
N SER A 111 -12.71 11.53 -9.47
CA SER A 111 -11.29 11.87 -9.65
C SER A 111 -10.66 12.34 -8.35
N ASN A 112 -9.30 12.49 -8.29
CA ASN A 112 -8.61 13.06 -7.11
C ASN A 112 -9.22 14.42 -6.64
N GLU A 113 -9.48 15.31 -7.60
CA GLU A 113 -10.02 16.65 -7.38
C GLU A 113 -11.47 16.62 -6.92
N LEU A 114 -12.32 15.72 -7.46
CA LEU A 114 -13.71 15.64 -7.00
C LEU A 114 -13.73 15.15 -5.54
N LEU A 115 -12.92 14.13 -5.22
CA LEU A 115 -12.87 13.60 -3.87
C LEU A 115 -12.40 14.68 -2.87
N GLU A 116 -11.38 15.46 -3.27
CA GLU A 116 -10.83 16.54 -2.45
C GLU A 116 -11.84 17.66 -2.25
N GLU A 117 -12.51 18.08 -3.34
CA GLU A 117 -13.54 19.13 -3.24
C GLU A 117 -14.67 18.66 -2.30
N ALA A 118 -15.10 17.39 -2.50
CA ALA A 118 -16.16 16.83 -1.70
C ALA A 118 -15.82 16.81 -0.21
N PHE A 119 -14.62 16.32 0.14
CA PHE A 119 -14.24 16.20 1.54
C PHE A 119 -13.79 17.51 2.22
N SER A 120 -13.55 18.58 1.44
CA SER A 120 -13.16 19.90 1.97
C SER A 120 -14.29 20.54 2.81
N GLN A 121 -15.52 20.05 2.67
CA GLN A 121 -16.59 20.60 3.50
C GLN A 121 -16.46 20.24 4.99
N PHE A 122 -15.69 19.21 5.33
CA PHE A 122 -15.52 18.75 6.72
C PHE A 122 -14.43 19.55 7.47
N GLY A 123 -13.64 20.29 6.70
CA GLY A 123 -12.54 21.05 7.24
C GLY A 123 -11.39 21.18 6.27
N PRO A 124 -10.32 21.90 6.66
CA PRO A 124 -9.18 22.08 5.75
C PRO A 124 -8.57 20.72 5.36
N ILE A 125 -8.39 20.51 4.07
CA ILE A 125 -7.88 19.29 3.47
C ILE A 125 -6.50 19.49 2.85
N GLU A 126 -5.62 18.49 3.03
CA GLU A 126 -4.28 18.55 2.46
C GLU A 126 -4.27 17.90 1.11
N ARG A 127 -4.83 16.68 1.02
CA ARG A 127 -4.80 15.90 -0.23
C ARG A 127 -5.89 14.87 -0.20
N ALA A 128 -6.42 14.50 -1.37
CA ALA A 128 -7.29 13.34 -1.54
C ALA A 128 -6.77 12.64 -2.77
N VAL A 129 -6.75 11.32 -2.78
CA VAL A 129 -6.31 10.61 -3.98
C VAL A 129 -7.18 9.39 -4.23
N VAL A 130 -7.46 9.09 -5.50
CA VAL A 130 -8.19 7.87 -5.87
C VAL A 130 -7.11 6.86 -6.17
N ILE A 131 -7.12 5.73 -5.52
CA ILE A 131 -6.10 4.70 -5.79
C ILE A 131 -6.44 4.02 -7.11
N VAL A 132 -5.49 3.99 -8.07
CA VAL A 132 -5.66 3.36 -9.38
C VAL A 132 -4.83 2.09 -9.54
N ASP A 133 -5.26 1.19 -10.45
CA ASP A 133 -4.53 -0.06 -10.71
C ASP A 133 -3.42 0.26 -11.73
N ASP A 134 -2.68 -0.78 -12.21
CA ASP A 134 -1.60 -0.62 -13.22
C ASP A 134 -2.06 0.06 -14.55
N ARG A 135 -3.38 0.07 -14.81
CA ARG A 135 -3.98 0.65 -16.02
C ARG A 135 -4.47 2.10 -15.85
N GLY A 136 -4.31 2.64 -14.64
CA GLY A 136 -4.76 4.01 -14.38
C GLY A 136 -6.25 4.14 -14.15
N ARG A 137 -6.91 2.99 -13.95
CA ARG A 137 -8.36 2.89 -13.68
C ARG A 137 -8.57 2.87 -12.15
N SER A 138 -9.63 3.54 -11.67
CA SER A 138 -10.00 3.57 -10.25
C SER A 138 -10.17 2.18 -9.67
N THR A 139 -9.68 1.97 -8.46
CA THR A 139 -9.94 0.71 -7.77
C THR A 139 -11.21 0.81 -6.94
N GLY A 140 -11.87 1.98 -6.94
CA GLY A 140 -13.06 2.22 -6.10
C GLY A 140 -12.68 2.66 -4.69
N LYS A 141 -11.37 2.77 -4.41
CA LYS A 141 -10.86 3.17 -3.09
C LYS A 141 -10.00 4.41 -3.22
N GLY A 142 -9.93 5.16 -2.15
CA GLY A 142 -9.17 6.39 -2.14
C GLY A 142 -8.65 6.71 -0.76
N ILE A 143 -7.89 7.80 -0.64
CA ILE A 143 -7.32 8.27 0.63
C ILE A 143 -7.61 9.74 0.74
N VAL A 144 -8.02 10.18 1.94
CA VAL A 144 -8.30 11.59 2.24
C VAL A 144 -7.42 12.00 3.42
N GLU A 145 -6.60 13.03 3.25
CA GLU A 145 -5.67 13.54 4.24
C GLU A 145 -6.07 14.96 4.63
N PHE A 146 -6.46 15.15 5.87
CA PHE A 146 -6.90 16.43 6.41
C PHE A 146 -5.75 17.19 7.12
N ALA A 147 -5.89 18.51 7.24
CA ALA A 147 -4.92 19.36 7.95
C ALA A 147 -5.03 19.27 9.46
N SER A 148 -6.09 18.64 10.00
CA SER A 148 -6.28 18.53 11.44
C SER A 148 -7.07 17.30 11.74
N LYS A 149 -6.80 16.69 12.92
CA LYS A 149 -7.51 15.53 13.43
C LYS A 149 -9.02 15.81 13.61
N PRO A 150 -9.49 16.97 14.18
CA PRO A 150 -10.95 17.18 14.25
C PRO A 150 -11.64 17.07 12.88
N ALA A 151 -11.03 17.63 11.82
CA ALA A 151 -11.66 17.61 10.47
C ALA A 151 -11.83 16.16 10.01
N ALA A 152 -10.81 15.30 10.25
CA ALA A 152 -10.88 13.87 9.93
C ALA A 152 -11.93 13.15 10.74
N ARG A 153 -12.03 13.45 12.06
CA ARG A 153 -13.07 12.86 12.93
C ARG A 153 -14.47 13.22 12.44
N LYS A 154 -14.74 14.49 12.12
CA LYS A 154 -16.02 14.97 11.60
C LYS A 154 -16.39 14.24 10.27
N ALA A 155 -15.45 14.16 9.32
CA ALA A 155 -15.64 13.44 8.05
C ALA A 155 -15.98 11.99 8.35
N PHE A 156 -15.25 11.39 9.27
CA PHE A 156 -15.47 9.98 9.66
C PHE A 156 -16.86 9.79 10.26
N GLU A 157 -17.22 10.61 11.26
CA GLU A 157 -18.54 10.52 11.94
C GLU A 157 -19.72 10.76 11.04
N ARG A 158 -19.67 11.85 10.27
CA ARG A 158 -20.74 12.30 9.39
C ARG A 158 -21.03 11.33 8.27
N CYS A 159 -19.97 10.77 7.64
CA CYS A 159 -20.12 9.79 6.56
C CYS A 159 -20.58 8.45 7.09
N SER A 160 -20.34 8.15 8.38
CA SER A 160 -20.84 6.92 8.99
C SER A 160 -22.33 7.11 9.33
N GLU A 161 -22.70 8.24 9.94
CA GLU A 161 -24.10 8.46 10.35
C GLU A 161 -25.05 8.76 9.14
N GLY A 162 -24.59 9.58 8.19
CA GLY A 162 -25.35 9.94 7.01
C GLY A 162 -24.94 9.18 5.77
N VAL A 163 -25.54 9.55 4.65
CA VAL A 163 -25.33 9.01 3.31
C VAL A 163 -24.64 10.13 2.47
N PHE A 164 -23.34 9.98 2.26
CA PHE A 164 -22.54 10.97 1.50
C PHE A 164 -22.35 10.43 0.11
N LEU A 165 -22.82 11.21 -0.88
CA LEU A 165 -22.82 10.83 -2.29
C LEU A 165 -21.93 11.77 -3.09
N LEU A 166 -21.11 11.22 -4.00
CA LEU A 166 -20.18 12.08 -4.78
C LEU A 166 -20.63 12.35 -6.22
N THR A 167 -21.41 11.42 -6.80
CA THR A 167 -21.82 11.49 -8.23
C THR A 167 -23.29 11.15 -8.30
N THR A 168 -23.83 10.98 -9.54
CA THR A 168 -25.25 10.72 -9.76
C THR A 168 -25.73 9.43 -9.18
N THR A 169 -25.14 8.29 -9.56
CA THR A 169 -25.48 6.96 -9.08
C THR A 169 -25.32 6.94 -7.56
N PRO A 170 -26.36 6.54 -6.79
CA PRO A 170 -26.22 6.56 -5.32
C PRO A 170 -25.27 5.47 -4.83
N ARG A 171 -24.06 5.89 -4.48
CA ARG A 171 -23.07 4.97 -3.92
C ARG A 171 -22.62 5.61 -2.63
N PRO A 172 -23.09 5.20 -1.44
CA PRO A 172 -22.59 5.90 -0.25
C PRO A 172 -21.08 5.68 -0.11
N VAL A 173 -20.37 6.75 0.21
CA VAL A 173 -18.93 6.68 0.47
C VAL A 173 -18.79 6.02 1.84
N ILE A 174 -17.95 4.97 1.91
CA ILE A 174 -17.68 4.24 3.16
C ILE A 174 -16.30 4.70 3.63
N VAL A 175 -16.28 5.38 4.76
CA VAL A 175 -15.12 6.03 5.36
C VAL A 175 -14.61 5.15 6.51
N GLU A 176 -13.32 4.83 6.53
CA GLU A 176 -12.75 3.90 7.52
C GLU A 176 -11.41 4.38 7.95
N PRO A 177 -10.90 3.92 9.13
CA PRO A 177 -9.55 4.33 9.55
C PRO A 177 -8.58 3.83 8.50
N LEU A 178 -7.55 4.59 8.23
CA LEU A 178 -6.57 4.15 7.24
C LEU A 178 -5.57 3.16 7.90
N GLU A 179 -5.46 1.96 7.33
CA GLU A 179 -4.53 0.93 7.75
C GLU A 179 -3.13 1.40 7.35
N GLN A 180 -2.29 1.63 8.33
CA GLN A 180 -0.93 2.14 8.11
C GLN A 180 0.02 1.09 8.66
N LEU A 181 0.42 0.19 7.77
CA LEU A 181 1.33 -0.93 8.13
C LEU A 181 2.75 -0.56 7.66
N ASP A 182 3.75 -1.18 8.26
CA ASP A 182 5.16 -0.88 7.91
C ASP A 182 5.68 -1.91 6.90
N ASP A 183 5.84 -1.48 5.66
CA ASP A 183 6.42 -2.32 4.59
C ASP A 183 7.77 -1.73 4.22
N GLU A 184 8.32 -0.88 5.08
CA GLU A 184 9.61 -0.24 4.77
C GLU A 184 10.73 -0.87 5.58
N ASP A 185 10.56 -0.94 6.89
CA ASP A 185 11.58 -1.50 7.80
C ASP A 185 11.30 -2.98 8.05
N GLY A 186 10.04 -3.33 8.22
CA GLY A 186 9.59 -4.69 8.45
C GLY A 186 10.08 -5.30 9.74
N LEU A 187 10.48 -6.58 9.69
CA LEU A 187 10.95 -7.31 10.85
C LEU A 187 12.40 -7.73 10.61
N PRO A 188 13.36 -6.86 10.99
CA PRO A 188 14.78 -7.21 10.76
C PRO A 188 15.24 -8.35 11.66
N GLU A 189 16.27 -9.09 11.20
CA GLU A 189 16.88 -10.24 11.88
C GLU A 189 17.35 -9.92 13.33
N LYS A 190 17.70 -8.65 13.61
CA LYS A 190 18.14 -8.18 14.93
C LYS A 190 17.08 -8.37 16.02
N LEU A 191 15.78 -8.16 15.70
CA LEU A 191 14.68 -8.34 16.64
C LEU A 191 14.23 -9.81 16.69
N ALA A 192 14.12 -10.47 15.51
CA ALA A 192 13.72 -11.87 15.37
C ALA A 192 14.56 -12.80 16.24
N GLN A 193 15.90 -12.50 16.35
CA GLN A 193 16.90 -13.24 17.13
C GLN A 193 16.64 -13.27 18.64
N LYS A 194 15.92 -12.24 19.18
CA LYS A 194 15.58 -12.08 20.59
C LYS A 194 14.59 -13.13 21.13
N ASN A 195 13.92 -13.88 20.22
CA ASN A 195 12.93 -14.89 20.58
C ASN A 195 13.54 -16.24 21.03
N PRO A 196 13.03 -16.88 22.10
CA PRO A 196 13.60 -18.19 22.50
C PRO A 196 13.28 -19.36 21.55
N MET A 197 12.08 -19.37 20.92
CA MET A 197 11.68 -20.42 19.98
C MET A 197 12.32 -20.24 18.58
N TYR A 198 12.95 -19.07 18.33
CA TYR A 198 13.65 -18.71 17.09
C TYR A 198 14.70 -19.75 16.70
N GLN A 199 15.55 -20.18 17.68
CA GLN A 199 16.64 -21.14 17.49
C GLN A 199 16.10 -22.45 16.96
N LYS A 200 15.02 -22.96 17.58
CA LYS A 200 14.35 -24.19 17.20
C LYS A 200 13.67 -24.05 15.84
N GLU A 201 13.19 -22.83 15.52
CA GLU A 201 12.53 -22.51 14.27
C GLU A 201 13.48 -22.44 13.06
N ARG A 202 14.65 -21.83 13.23
CA ARG A 202 15.64 -21.67 12.16
C ARG A 202 16.51 -22.93 11.94
N GLU A 203 16.34 -23.94 12.82
CA GLU A 203 16.99 -25.26 12.83
C GLU A 203 16.80 -25.99 11.49
N THR A 204 15.59 -25.91 10.88
CA THR A 204 15.33 -26.53 9.58
C THR A 204 15.28 -25.40 8.56
N PRO A 205 16.16 -25.47 7.54
CA PRO A 205 16.22 -24.38 6.57
C PRO A 205 15.02 -24.36 5.62
N PRO A 206 14.80 -23.25 4.89
CA PRO A 206 13.76 -23.25 3.87
C PRO A 206 13.91 -24.46 2.94
N ARG A 207 12.79 -25.08 2.57
CA ARG A 207 12.78 -26.30 1.77
C ARG A 207 11.46 -26.56 1.11
N PHE A 208 11.47 -27.41 0.09
CA PHE A 208 10.23 -27.89 -0.47
C PHE A 208 9.92 -29.20 0.24
N ALA A 209 8.70 -29.31 0.78
CA ALA A 209 8.34 -30.54 1.49
C ALA A 209 8.18 -31.63 0.46
N GLN A 210 8.50 -32.87 0.87
CA GLN A 210 8.48 -33.98 -0.05
C GLN A 210 7.31 -34.90 0.18
N HIS A 211 6.83 -35.55 -0.90
CA HIS A 211 5.70 -36.48 -0.86
C HIS A 211 5.94 -37.59 0.20
N GLY A 212 4.97 -37.82 1.07
CA GLY A 212 5.04 -38.85 2.09
C GLY A 212 5.32 -38.36 3.48
N THR A 213 5.92 -37.18 3.61
CA THR A 213 6.28 -36.66 4.92
C THR A 213 5.05 -36.11 5.58
N PHE A 214 5.06 -36.09 6.91
CA PHE A 214 3.98 -35.52 7.67
C PHE A 214 3.79 -34.03 7.26
N GLU A 215 4.90 -33.27 7.14
CA GLU A 215 4.82 -31.82 6.85
C GLU A 215 4.25 -31.54 5.47
N TYR A 216 4.50 -32.44 4.54
CA TYR A 216 3.93 -32.34 3.20
C TYR A 216 2.44 -32.57 3.27
N GLU A 217 2.01 -33.62 4.01
CA GLU A 217 0.60 -33.99 4.09
C GLU A 217 -0.19 -32.94 4.83
N TYR A 218 0.34 -32.49 5.96
CA TYR A 218 -0.28 -31.45 6.77
C TYR A 218 -0.45 -30.16 5.87
N SER A 219 0.64 -29.77 5.17
CA SER A 219 0.66 -28.56 4.34
C SER A 219 -0.29 -28.63 3.16
N GLN A 220 -0.42 -29.82 2.55
CA GLN A 220 -1.38 -30.01 1.45
C GLN A 220 -2.83 -29.92 1.99
N ARG A 221 -3.11 -30.46 3.18
CA ARG A 221 -4.46 -30.36 3.76
C ARG A 221 -4.71 -28.88 4.10
N TRP A 222 -3.70 -28.21 4.70
CA TRP A 222 -3.85 -26.79 5.07
C TRP A 222 -4.21 -25.95 3.84
N LYS A 223 -3.44 -26.09 2.76
CA LYS A 223 -3.68 -25.43 1.48
C LYS A 223 -5.10 -25.68 0.99
N SER A 224 -5.59 -26.93 1.10
CA SER A 224 -6.97 -27.24 0.69
C SER A 224 -7.98 -26.45 1.49
N LEU A 225 -7.77 -26.30 2.82
CA LEU A 225 -8.66 -25.48 3.65
C LEU A 225 -8.59 -24.02 3.23
N ASP A 226 -7.37 -23.50 2.95
CA ASP A 226 -7.16 -22.13 2.48
C ASP A 226 -7.88 -21.85 1.14
N GLU A 227 -7.82 -22.81 0.20
CA GLU A 227 -8.51 -22.74 -1.09
C GLU A 227 -10.02 -22.72 -0.88
N MET A 228 -10.53 -23.57 0.03
CA MET A 228 -11.95 -23.61 0.43
C MET A 228 -12.34 -22.27 1.08
N GLU A 229 -11.45 -21.70 1.92
CA GLU A 229 -11.75 -20.41 2.53
C GLU A 229 -11.88 -19.31 1.47
N LYS A 230 -10.99 -19.29 0.48
CA LYS A 230 -11.01 -18.33 -0.62
C LYS A 230 -12.27 -18.45 -1.41
N GLN A 231 -12.67 -19.69 -1.72
CA GLN A 231 -13.92 -19.96 -2.43
C GLN A 231 -15.15 -19.50 -1.61
N GLN A 232 -15.20 -19.79 -0.29
CA GLN A 232 -16.32 -19.33 0.57
C GLN A 232 -16.37 -17.80 0.66
N ARG A 233 -15.19 -17.12 0.74
CA ARG A 233 -15.10 -15.66 0.81
CA ARG A 233 -15.06 -15.65 0.79
C ARG A 233 -15.63 -15.05 -0.51
N GLU A 234 -15.21 -15.59 -1.68
CA GLU A 234 -15.68 -15.11 -3.01
C GLU A 234 -17.17 -15.33 -3.19
N GLN A 235 -17.69 -16.43 -2.60
CA GLN A 235 -19.11 -16.72 -2.66
C GLN A 235 -19.93 -15.71 -1.88
N VAL A 236 -19.45 -15.35 -0.70
CA VAL A 236 -20.11 -14.35 0.16
C VAL A 236 -20.20 -13.07 -0.64
N GLU A 237 -19.12 -12.69 -1.32
CA GLU A 237 -19.08 -11.45 -2.13
C GLU A 237 -20.17 -11.52 -3.20
N LYS A 238 -20.29 -12.66 -3.86
CA LYS A 238 -21.28 -12.88 -4.94
C LYS A 238 -22.68 -12.79 -4.36
N ASN A 239 -22.93 -13.53 -3.30
CA ASN A 239 -24.23 -13.57 -2.62
C ASN A 239 -24.65 -12.18 -2.23
N MET A 240 -23.72 -11.40 -1.67
CA MET A 240 -24.04 -10.05 -1.25
C MET A 240 -24.17 -9.08 -2.44
N LYS A 241 -23.43 -9.33 -3.52
CA LYS A 241 -23.57 -8.54 -4.75
C LYS A 241 -25.00 -8.69 -5.26
N ASP A 242 -25.54 -9.93 -5.26
CA ASP A 242 -26.92 -10.18 -5.69
C ASP A 242 -27.94 -9.56 -4.75
N ALA A 243 -27.71 -9.58 -3.42
CA ALA A 243 -28.65 -8.95 -2.48
C ALA A 243 -28.66 -7.43 -2.69
N LYS A 244 -27.48 -6.82 -2.97
CA LYS A 244 -27.36 -5.39 -3.24
C LYS A 244 -28.09 -5.03 -4.59
N ASP A 245 -27.99 -5.90 -5.61
CA ASP A 245 -28.69 -5.68 -6.90
C ASP A 245 -30.21 -5.85 -6.76
N LYS A 246 -30.65 -6.83 -5.96
CA LYS A 246 -32.07 -7.03 -5.69
C LYS A 246 -32.62 -5.82 -4.88
N LEU A 247 -31.85 -5.35 -3.87
CA LEU A 247 -32.26 -4.19 -3.08
C LEU A 247 -32.45 -2.97 -4.00
N GLU A 248 -31.49 -2.78 -4.90
CA GLU A 248 -31.53 -1.64 -5.80
C GLU A 248 -32.81 -1.63 -6.63
N SER A 249 -33.18 -2.80 -7.20
CA SER A 249 -34.35 -3.02 -8.04
C SER A 249 -35.65 -2.82 -7.28
N GLU A 250 -35.75 -3.38 -6.08
CA GLU A 250 -36.94 -3.22 -5.22
C GLU A 250 -37.11 -1.75 -4.83
N MET A 251 -36.03 -1.07 -4.52
CA MET A 251 -36.11 0.34 -4.08
C MET A 251 -36.51 1.23 -5.27
N GLU A 252 -35.93 1.01 -6.44
CA GLU A 252 -36.34 1.75 -7.65
C GLU A 252 -37.85 1.56 -7.85
N ASP A 253 -38.37 0.36 -7.69
CA ASP A 253 -39.83 0.13 -7.85
C ASP A 253 -40.62 0.83 -6.76
N ALA A 254 -40.15 0.77 -5.50
CA ALA A 254 -40.80 1.41 -4.32
C ALA A 254 -40.96 2.90 -4.52
N TYR A 255 -39.93 3.52 -5.11
CA TYR A 255 -39.83 4.94 -5.38
C TYR A 255 -40.24 5.29 -6.83
N HIS A 256 -40.83 4.32 -7.58
CA HIS A 256 -41.28 4.52 -8.98
C HIS A 256 -40.27 5.39 -9.75
N GLU A 257 -38.99 5.00 -9.64
CA GLU A 257 -37.87 5.76 -10.19
C GLU A 257 -37.99 6.05 -11.68
N HIS A 258 -38.61 5.18 -12.45
CA HIS A 258 -38.68 5.50 -13.87
C HIS A 258 -40.04 6.14 -14.26
N GLN A 259 -40.96 6.28 -13.27
CA GLN A 259 -42.35 6.69 -13.49
C GLN A 259 -42.87 7.96 -12.79
N ALA A 260 -43.75 8.73 -13.48
CA ALA A 260 -44.41 9.87 -12.81
C ALA A 260 -45.49 9.31 -11.85
N ASN A 261 -45.60 9.90 -10.64
CA ASN A 261 -46.57 9.49 -9.61
C ASN A 261 -46.70 10.61 -8.56
N LEU A 262 -47.95 11.04 -8.25
CA LEU A 262 -48.26 12.11 -7.28
C LEU A 262 -47.66 11.84 -5.88
N LEU A 263 -48.03 10.70 -5.27
CA LEU A 263 -47.52 10.33 -3.95
C LEU A 263 -46.06 9.79 -4.03
N GLU B 18 25.06 -1.22 -0.15
CA GLU B 18 25.71 -2.49 -0.48
C GLU B 18 25.58 -2.81 -1.97
N LYS B 19 24.43 -3.38 -2.42
CA LYS B 19 24.15 -3.72 -3.81
C LYS B 19 23.80 -2.42 -4.56
N THR B 20 24.57 -2.09 -5.62
CA THR B 20 24.40 -0.87 -6.40
C THR B 20 23.65 -1.07 -7.72
N TYR B 21 23.09 0.04 -8.29
CA TYR B 21 22.40 0.07 -9.59
C TYR B 21 21.38 -1.06 -9.75
N THR B 22 20.49 -1.19 -8.78
CA THR B 22 19.46 -2.23 -8.78
C THR B 22 18.22 -1.69 -9.48
N GLN B 23 17.17 -2.52 -9.62
CA GLN B 23 15.91 -2.07 -10.21
C GLN B 23 15.22 -1.01 -9.34
N ARG B 24 15.48 -1.00 -8.01
CA ARG B 24 14.99 0.03 -7.06
C ARG B 24 15.74 1.38 -7.17
N CYS B 25 16.81 1.40 -7.95
CA CYS B 25 17.62 2.57 -8.27
C CYS B 25 17.21 3.16 -9.62
N ARG B 26 16.27 2.51 -10.30
CA ARG B 26 15.83 2.87 -11.64
C ARG B 26 14.70 3.89 -11.66
N LEU B 27 14.93 4.96 -12.41
CA LEU B 27 13.98 6.06 -12.58
C LEU B 27 13.42 6.13 -14.00
N PHE B 28 12.13 6.44 -14.14
CA PHE B 28 11.43 6.69 -15.42
C PHE B 28 11.39 8.24 -15.52
N VAL B 29 11.64 8.81 -16.69
CA VAL B 29 11.62 10.25 -16.95
C VAL B 29 10.74 10.48 -18.18
N GLY B 30 9.57 11.05 -17.96
CA GLY B 30 8.58 11.37 -18.97
C GLY B 30 8.54 12.86 -19.29
N ASN B 31 7.89 13.19 -20.42
CA ASN B 31 7.72 14.55 -20.95
C ASN B 31 9.03 15.17 -21.44
N LEU B 32 9.97 14.31 -21.86
CA LEU B 32 11.26 14.73 -22.41
C LEU B 32 11.01 15.53 -23.71
N PRO B 33 11.82 16.58 -24.00
CA PRO B 33 11.62 17.32 -25.26
C PRO B 33 11.74 16.36 -26.44
N ALA B 34 10.97 16.59 -27.51
CA ALA B 34 10.96 15.75 -28.72
C ALA B 34 12.34 15.48 -29.36
N ASP B 35 13.31 16.39 -29.17
CA ASP B 35 14.67 16.34 -29.72
C ASP B 35 15.74 16.04 -28.64
N ILE B 36 15.33 15.33 -27.56
CA ILE B 36 16.25 14.92 -26.49
C ILE B 36 17.28 13.97 -27.09
N THR B 37 18.52 14.01 -26.59
CA THR B 37 19.61 13.11 -26.97
C THR B 37 20.04 12.36 -25.71
N GLU B 38 20.81 11.27 -25.86
CA GLU B 38 21.33 10.49 -24.76
C GLU B 38 22.33 11.28 -23.88
N ASP B 39 23.17 12.15 -24.48
CA ASP B 39 24.13 12.95 -23.72
C ASP B 39 23.45 14.05 -22.94
N GLU B 40 22.37 14.62 -23.50
CA GLU B 40 21.59 15.64 -22.81
C GLU B 40 20.88 15.00 -21.58
N PHE B 41 20.31 13.80 -21.77
CA PHE B 41 19.61 13.03 -20.74
C PHE B 41 20.51 12.64 -19.58
N LYS B 42 21.78 12.27 -19.88
CA LYS B 42 22.77 11.91 -18.86
C LYS B 42 23.21 13.15 -18.10
N ARG B 43 23.39 14.25 -18.79
CA ARG B 43 23.83 15.50 -18.16
C ARG B 43 22.80 15.97 -17.15
N LEU B 44 21.52 15.68 -17.42
CA LEU B 44 20.42 16.04 -16.53
C LEU B 44 20.65 15.40 -15.16
N PHE B 45 21.20 14.15 -15.12
CA PHE B 45 21.50 13.36 -13.93
C PHE B 45 22.98 13.32 -13.49
N ALA B 46 23.86 14.16 -14.05
CA ALA B 46 25.30 14.15 -13.71
C ALA B 46 25.59 14.46 -12.23
N LYS B 47 24.71 15.24 -11.58
CA LYS B 47 24.83 15.61 -10.16
C LYS B 47 24.88 14.35 -9.28
N TYR B 48 24.21 13.28 -9.73
CA TYR B 48 24.01 12.09 -8.90
C TYR B 48 25.05 10.97 -9.11
N GLY B 49 26.25 11.35 -9.53
CA GLY B 49 27.35 10.42 -9.74
C GLY B 49 27.38 9.78 -11.11
N GLU B 50 27.92 8.55 -11.18
CA GLU B 50 28.06 7.79 -12.41
C GLU B 50 26.75 7.15 -12.82
N PRO B 51 26.28 7.38 -14.06
CA PRO B 51 25.03 6.74 -14.48
C PRO B 51 25.22 5.26 -14.72
N GLY B 52 24.14 4.51 -14.53
CA GLY B 52 24.11 3.10 -14.87
C GLY B 52 23.49 3.01 -16.25
N GLU B 53 22.82 1.90 -16.54
CA GLU B 53 22.18 1.69 -17.83
C GLU B 53 21.11 2.77 -18.08
N VAL B 54 21.15 3.35 -19.29
CA VAL B 54 20.26 4.40 -19.81
C VAL B 54 19.56 3.85 -21.05
N PHE B 55 18.26 4.16 -21.21
CA PHE B 55 17.48 3.78 -22.38
C PHE B 55 16.47 4.88 -22.66
N ILE B 56 16.38 5.31 -23.93
CA ILE B 56 15.40 6.33 -24.31
C ILE B 56 14.43 5.76 -25.33
N ASN B 57 13.12 5.74 -24.96
CA ASN B 57 12.04 5.35 -25.83
C ASN B 57 11.64 6.70 -26.50
N LYS B 58 12.26 7.00 -27.64
CA LYS B 58 12.03 8.26 -28.36
C LYS B 58 10.60 8.36 -28.89
N GLY B 59 10.00 7.21 -29.19
CA GLY B 59 8.62 7.08 -29.67
C GLY B 59 7.62 7.69 -28.72
N LYS B 60 7.78 7.43 -27.41
CA LYS B 60 6.84 7.94 -26.42
C LYS B 60 7.38 9.14 -25.58
N GLY B 61 8.63 9.54 -25.83
CA GLY B 61 9.23 10.67 -25.15
C GLY B 61 9.55 10.40 -23.68
N PHE B 62 9.95 9.16 -23.38
CA PHE B 62 10.36 8.85 -22.03
C PHE B 62 11.65 8.05 -22.01
N GLY B 63 12.35 8.13 -20.88
CA GLY B 63 13.61 7.44 -20.70
C GLY B 63 13.75 6.81 -19.33
N PHE B 64 14.75 5.94 -19.19
CA PHE B 64 15.07 5.25 -17.95
C PHE B 64 16.53 5.40 -17.63
N ILE B 65 16.83 5.51 -16.34
CA ILE B 65 18.19 5.59 -15.82
C ILE B 65 18.30 4.91 -14.44
N LYS B 66 19.35 4.12 -14.27
CA LYS B 66 19.69 3.49 -12.99
C LYS B 66 20.79 4.32 -12.34
N LEU B 67 20.56 4.69 -11.08
CA LEU B 67 21.58 5.45 -10.35
C LEU B 67 22.24 4.52 -9.35
N GLU B 68 23.34 4.94 -8.75
CA GLU B 68 24.17 4.12 -7.87
C GLU B 68 23.42 3.53 -6.66
N SER B 69 22.61 4.35 -5.96
CA SER B 69 21.87 3.90 -4.78
C SER B 69 20.40 4.35 -4.80
N ARG B 70 19.59 3.75 -3.90
CA ARG B 70 18.18 4.11 -3.71
C ARG B 70 18.10 5.57 -3.25
N ALA B 71 18.99 5.97 -2.30
CA ALA B 71 19.04 7.35 -1.75
C ALA B 71 19.23 8.37 -2.88
N LEU B 72 20.20 8.12 -3.78
CA LEU B 72 20.47 8.98 -4.93
C LEU B 72 19.29 9.07 -5.90
N ALA B 73 18.61 7.94 -6.20
CA ALA B 73 17.42 7.92 -7.06
C ALA B 73 16.25 8.71 -6.40
N GLU B 74 16.12 8.61 -5.07
CA GLU B 74 15.07 9.35 -4.36
C GLU B 74 15.37 10.84 -4.44
N ILE B 75 16.64 11.23 -4.21
CA ILE B 75 17.02 12.65 -4.30
C ILE B 75 16.77 13.16 -5.72
N ALA B 76 17.28 12.45 -6.75
CA ALA B 76 17.07 12.86 -8.15
C ALA B 76 15.59 12.94 -8.51
N LYS B 77 14.78 11.97 -8.07
CA LYS B 77 13.33 12.10 -8.32
C LYS B 77 12.74 13.37 -7.68
N ALA B 78 13.13 13.65 -6.42
CA ALA B 78 12.58 14.83 -5.72
C ALA B 78 13.10 16.17 -6.31
N GLU B 79 14.32 16.19 -6.78
CA GLU B 79 14.88 17.41 -7.35
C GLU B 79 14.47 17.62 -8.81
N LEU B 80 14.28 16.55 -9.59
CA LEU B 80 13.98 16.71 -11.01
C LEU B 80 12.52 16.66 -11.36
N ASP B 81 11.69 15.99 -10.55
CA ASP B 81 10.26 15.88 -10.88
C ASP B 81 9.63 17.23 -10.96
N ASP B 82 8.80 17.44 -12.00
CA ASP B 82 8.06 18.66 -12.26
C ASP B 82 8.98 19.87 -12.41
N THR B 83 10.10 19.69 -13.11
CA THR B 83 11.00 20.81 -13.39
C THR B 83 11.00 21.01 -14.89
N PRO B 84 11.13 22.27 -15.37
CA PRO B 84 11.05 22.50 -16.81
C PRO B 84 12.26 22.00 -17.61
N MET B 85 11.97 21.39 -18.75
CA MET B 85 13.02 20.97 -19.67
C MET B 85 12.58 21.30 -21.07
N ARG B 86 13.06 22.42 -21.54
CA ARG B 86 12.80 22.95 -22.89
C ARG B 86 11.32 22.94 -23.24
N GLY B 87 10.51 23.47 -22.32
CA GLY B 87 9.10 23.71 -22.55
C GLY B 87 8.05 22.91 -21.82
N ARG B 88 8.41 21.73 -21.33
CA ARG B 88 7.47 20.89 -20.60
C ARG B 88 8.06 20.55 -19.26
N GLN B 89 7.19 20.11 -18.34
CA GLN B 89 7.56 19.74 -16.99
C GLN B 89 7.85 18.28 -17.02
N LEU B 90 9.05 17.90 -16.57
CA LEU B 90 9.43 16.48 -16.52
C LEU B 90 8.59 15.74 -15.53
N ARG B 91 8.31 14.46 -15.84
CA ARG B 91 7.60 13.60 -14.91
C ARG B 91 8.61 12.55 -14.51
N VAL B 92 9.09 12.61 -13.27
CA VAL B 92 10.08 11.63 -12.83
C VAL B 92 9.44 10.71 -11.81
N ARG B 93 9.54 9.40 -12.07
CA ARG B 93 8.97 8.36 -11.19
C ARG B 93 9.93 7.16 -11.03
N PHE B 94 9.75 6.36 -9.99
CA PHE B 94 10.54 5.12 -9.87
C PHE B 94 10.01 4.19 -10.96
N ALA B 95 10.90 3.49 -11.64
CA ALA B 95 10.45 2.59 -12.72
C ALA B 95 9.58 1.47 -12.11
N THR B 96 8.44 1.18 -12.72
CA THR B 96 7.55 0.10 -12.27
C THR B 96 8.13 -1.24 -12.71
N ALA B 99 7.03 -7.23 -10.81
CA ALA B 99 7.72 -8.46 -10.44
C ALA B 99 7.65 -8.73 -8.90
N ALA B 100 6.49 -8.44 -8.30
CA ALA B 100 6.34 -8.62 -6.86
C ALA B 100 5.33 -9.67 -6.48
N LEU B 101 5.67 -10.42 -5.44
CA LEU B 101 4.78 -11.42 -4.88
C LEU B 101 4.40 -11.05 -3.45
N SER B 102 3.12 -11.21 -3.13
CA SER B 102 2.53 -11.12 -1.81
C SER B 102 2.80 -12.54 -1.23
N VAL B 103 3.25 -12.61 0.04
CA VAL B 103 3.52 -13.88 0.71
C VAL B 103 2.75 -13.85 2.02
N ARG B 104 2.03 -14.92 2.36
CA ARG B 104 1.30 -14.94 3.61
C ARG B 104 1.45 -16.30 4.28
N ASN B 105 0.87 -16.42 5.48
CA ASN B 105 0.95 -17.58 6.37
C ASN B 105 2.37 -17.68 6.94
N LEU B 106 3.04 -16.54 7.13
CA LEU B 106 4.40 -16.54 7.67
C LEU B 106 4.37 -16.72 9.18
N SER B 107 5.37 -17.44 9.75
CA SER B 107 5.53 -17.58 11.20
C SER B 107 5.90 -16.17 11.70
N PRO B 108 5.60 -15.78 12.95
CA PRO B 108 6.08 -14.48 13.44
C PRO B 108 7.62 -14.45 13.60
N TYR B 109 8.31 -15.59 13.34
CA TYR B 109 9.76 -15.79 13.39
C TYR B 109 10.46 -15.44 12.09
N VAL B 110 9.70 -15.40 10.98
CA VAL B 110 10.24 -15.07 9.66
C VAL B 110 10.57 -13.58 9.67
N SER B 111 11.83 -13.25 9.38
CA SER B 111 12.37 -11.89 9.33
C SER B 111 12.56 -11.53 7.85
N ASN B 112 12.91 -10.26 7.56
CA ASN B 112 13.15 -9.82 6.18
C ASN B 112 14.28 -10.66 5.54
N GLU B 113 15.37 -10.89 6.32
CA GLU B 113 16.56 -11.65 5.90
C GLU B 113 16.22 -13.11 5.57
N LEU B 114 15.44 -13.80 6.42
CA LEU B 114 15.07 -15.19 6.12
C LEU B 114 14.26 -15.24 4.84
N LEU B 115 13.28 -14.34 4.69
CA LEU B 115 12.47 -14.22 3.50
C LEU B 115 13.34 -14.04 2.26
N GLU B 116 14.37 -13.18 2.33
CA GLU B 116 15.29 -12.93 1.20
C GLU B 116 16.08 -14.19 0.86
N GLU B 117 16.73 -14.81 1.85
CA GLU B 117 17.53 -16.03 1.75
C GLU B 117 16.71 -17.13 1.04
N ALA B 118 15.49 -17.40 1.55
CA ALA B 118 14.58 -18.40 1.02
C ALA B 118 14.15 -18.19 -0.41
N PHE B 119 13.65 -17.02 -0.76
CA PHE B 119 13.14 -16.82 -2.13
C PHE B 119 14.22 -16.53 -3.18
N SER B 120 15.50 -16.37 -2.76
CA SER B 120 16.61 -16.06 -3.69
C SER B 120 16.90 -17.18 -4.67
N GLN B 121 16.51 -18.42 -4.33
CA GLN B 121 16.69 -19.60 -5.19
C GLN B 121 15.90 -19.50 -6.50
N PHE B 122 14.82 -18.72 -6.52
CA PHE B 122 13.98 -18.55 -7.70
C PHE B 122 14.44 -17.44 -8.67
N GLY B 123 15.37 -16.59 -8.24
CA GLY B 123 15.88 -15.45 -9.00
C GLY B 123 16.39 -14.32 -8.14
N PRO B 124 17.02 -13.27 -8.74
CA PRO B 124 17.55 -12.15 -7.92
C PRO B 124 16.50 -11.35 -7.15
N ILE B 125 16.74 -11.13 -5.84
CA ILE B 125 15.83 -10.42 -4.94
C ILE B 125 16.11 -8.92 -4.91
N GLU B 126 15.12 -8.12 -5.36
CA GLU B 126 15.16 -6.65 -5.35
C GLU B 126 15.01 -6.18 -3.90
N ARG B 127 14.06 -6.80 -3.18
CA ARG B 127 13.69 -6.47 -1.81
C ARG B 127 12.78 -7.56 -1.29
N ALA B 128 12.98 -7.92 -0.03
CA ALA B 128 12.16 -8.86 0.70
C ALA B 128 11.86 -8.22 2.05
N VAL B 129 10.58 -8.03 2.35
CA VAL B 129 10.19 -7.43 3.64
C VAL B 129 9.00 -8.16 4.25
N VAL B 130 9.05 -8.32 5.57
CA VAL B 130 7.93 -8.86 6.36
C VAL B 130 7.10 -7.59 6.73
N ILE B 131 5.80 -7.57 6.49
CA ILE B 131 4.97 -6.40 6.84
C ILE B 131 4.63 -6.47 8.32
N VAL B 132 4.95 -5.38 9.06
CA VAL B 132 4.71 -5.30 10.50
C VAL B 132 3.69 -4.21 10.89
N ASP B 133 3.16 -4.32 12.12
CA ASP B 133 2.21 -3.31 12.64
C ASP B 133 3.01 -2.23 13.41
N ASP B 134 2.34 -1.18 13.95
CA ASP B 134 3.01 -0.07 14.63
C ASP B 134 3.87 -0.47 15.86
N ARG B 135 3.63 -1.67 16.43
CA ARG B 135 4.40 -2.23 17.56
C ARG B 135 5.59 -3.05 17.05
N GLY B 136 5.70 -3.16 15.72
CA GLY B 136 6.75 -3.93 15.05
C GLY B 136 6.48 -5.42 15.05
N ARG B 137 5.20 -5.83 15.19
CA ARG B 137 4.80 -7.25 15.22
C ARG B 137 4.47 -7.73 13.80
N SER B 138 4.94 -8.94 13.43
CA SER B 138 4.67 -9.49 12.11
C SER B 138 3.17 -9.65 11.88
N THR B 139 2.70 -9.21 10.71
CA THR B 139 1.29 -9.41 10.38
C THR B 139 1.07 -10.83 9.81
N GLY B 140 2.17 -11.55 9.56
CA GLY B 140 2.13 -12.89 8.98
C GLY B 140 2.19 -12.78 7.48
N LYS B 141 2.38 -11.53 6.98
CA LYS B 141 2.42 -11.23 5.56
C LYS B 141 3.69 -10.52 5.18
N GLY B 142 4.10 -10.72 3.94
CA GLY B 142 5.31 -10.14 3.42
C GLY B 142 5.23 -9.83 1.94
N ILE B 143 6.28 -9.18 1.45
CA ILE B 143 6.42 -8.79 0.05
C ILE B 143 7.79 -9.22 -0.41
N VAL B 144 7.85 -9.88 -1.58
CA VAL B 144 9.10 -10.28 -2.20
C VAL B 144 9.09 -9.72 -3.64
N GLU B 145 10.11 -8.93 -3.98
CA GLU B 145 10.24 -8.29 -5.29
C GLU B 145 11.42 -8.88 -5.97
N PHE B 146 11.23 -9.41 -7.18
CA PHE B 146 12.29 -10.00 -7.98
C PHE B 146 12.69 -8.98 -9.06
N ALA B 147 13.91 -9.13 -9.62
CA ALA B 147 14.44 -8.27 -10.68
C ALA B 147 13.67 -8.33 -12.03
N SER B 148 12.86 -9.41 -12.25
CA SER B 148 12.09 -9.59 -13.48
C SER B 148 10.78 -10.41 -13.28
N LYS B 149 9.83 -10.29 -14.23
CA LYS B 149 8.56 -11.03 -14.25
C LYS B 149 8.75 -12.57 -14.38
N PRO B 150 9.68 -13.14 -15.21
CA PRO B 150 9.84 -14.61 -15.23
C PRO B 150 10.29 -15.21 -13.89
N ALA B 151 11.20 -14.53 -13.15
CA ALA B 151 11.70 -15.01 -11.84
C ALA B 151 10.57 -15.08 -10.80
N ALA B 152 9.66 -14.08 -10.80
CA ALA B 152 8.50 -13.97 -9.93
C ALA B 152 7.47 -15.06 -10.31
N ARG B 153 7.35 -15.37 -11.62
CA ARG B 153 6.46 -16.41 -12.13
C ARG B 153 6.97 -17.77 -11.66
N LYS B 154 8.30 -18.00 -11.77
CA LYS B 154 9.00 -19.20 -11.34
C LYS B 154 8.71 -19.44 -9.86
N ALA B 155 8.91 -18.39 -9.03
CA ALA B 155 8.65 -18.48 -7.59
C ALA B 155 7.20 -18.79 -7.27
N PHE B 156 6.26 -18.15 -7.99
CA PHE B 156 4.84 -18.34 -7.78
C PHE B 156 4.41 -19.77 -8.11
N GLU B 157 4.78 -20.27 -9.32
CA GLU B 157 4.49 -21.61 -9.84
C GLU B 157 4.96 -22.72 -8.87
N ARG B 158 6.25 -22.67 -8.50
CA ARG B 158 6.89 -23.62 -7.58
C ARG B 158 6.23 -23.65 -6.21
N CYS B 159 5.86 -22.45 -5.67
CA CYS B 159 5.23 -22.35 -4.34
C CYS B 159 3.75 -22.67 -4.36
N SER B 160 3.11 -22.62 -5.54
CA SER B 160 1.68 -22.94 -5.69
C SER B 160 1.53 -24.45 -5.78
N GLU B 161 2.32 -25.06 -6.66
CA GLU B 161 2.36 -26.49 -6.93
C GLU B 161 2.91 -27.21 -5.71
N GLY B 162 4.12 -26.84 -5.31
CA GLY B 162 4.80 -27.45 -4.20
C GLY B 162 4.51 -26.82 -2.87
N VAL B 163 5.00 -27.44 -1.82
CA VAL B 163 4.85 -26.99 -0.46
C VAL B 163 6.18 -26.36 -0.05
N PHE B 164 6.22 -25.04 0.03
CA PHE B 164 7.47 -24.34 0.40
C PHE B 164 7.41 -23.99 1.86
N LEU B 165 8.46 -24.37 2.64
CA LEU B 165 8.49 -24.17 4.08
C LEU B 165 9.68 -23.39 4.45
N LEU B 166 9.54 -22.49 5.42
CA LEU B 166 10.62 -21.57 5.79
C LEU B 166 11.34 -21.88 7.04
N THR B 167 10.66 -22.55 7.97
CA THR B 167 11.16 -22.88 9.30
C THR B 167 10.79 -24.33 9.65
N THR B 168 11.17 -24.77 10.87
CA THR B 168 10.89 -26.11 11.39
C THR B 168 9.39 -26.37 11.43
N THR B 169 8.63 -25.47 12.09
CA THR B 169 7.16 -25.63 12.18
C THR B 169 6.56 -25.53 10.77
N PRO B 170 5.85 -26.59 10.31
CA PRO B 170 5.33 -26.57 8.94
C PRO B 170 4.19 -25.59 8.71
N ARG B 171 4.49 -24.55 7.96
CA ARG B 171 3.52 -23.53 7.61
C ARG B 171 3.73 -23.30 6.14
N PRO B 172 2.89 -23.80 5.22
CA PRO B 172 3.16 -23.53 3.80
C PRO B 172 3.04 -22.04 3.49
N VAL B 173 4.05 -21.46 2.81
CA VAL B 173 4.04 -20.05 2.38
C VAL B 173 2.99 -19.96 1.28
N ILE B 174 2.05 -19.01 1.41
CA ILE B 174 1.01 -18.83 0.41
C ILE B 174 1.42 -17.64 -0.41
N VAL B 175 1.76 -17.91 -1.66
CA VAL B 175 2.25 -16.88 -2.56
C VAL B 175 1.15 -16.47 -3.55
N GLU B 176 0.98 -15.14 -3.75
CA GLU B 176 0.02 -14.53 -4.67
C GLU B 176 0.75 -13.44 -5.45
N PRO B 177 0.41 -13.15 -6.73
CA PRO B 177 1.09 -12.05 -7.42
C PRO B 177 0.58 -10.72 -6.84
N LEU B 178 1.49 -9.79 -6.54
CA LEU B 178 1.08 -8.51 -5.92
C LEU B 178 0.74 -7.47 -6.99
N GLU B 179 -0.55 -7.13 -7.13
CA GLU B 179 -0.96 -6.10 -8.12
C GLU B 179 -0.39 -4.76 -7.65
N GLN B 180 0.27 -4.05 -8.55
CA GLN B 180 0.85 -2.75 -8.24
C GLN B 180 -0.26 -1.70 -8.35
N LEU B 181 -0.49 -1.01 -7.24
CA LEU B 181 -1.50 0.07 -7.12
C LEU B 181 -0.77 1.41 -7.01
N ASP B 182 -1.40 2.45 -7.52
CA ASP B 182 -0.86 3.82 -7.51
C ASP B 182 -1.68 4.73 -6.59
N ASP B 183 -1.11 5.14 -5.45
CA ASP B 183 -1.76 6.04 -4.47
C ASP B 183 -1.04 7.39 -4.46
N GLU B 184 -0.26 7.66 -5.50
CA GLU B 184 0.55 8.89 -5.62
C GLU B 184 -0.04 9.79 -6.70
N ASP B 185 -0.10 9.32 -7.94
CA ASP B 185 -0.67 10.09 -9.06
C ASP B 185 -2.20 9.94 -9.02
N GLY B 186 -2.66 8.75 -8.67
CA GLY B 186 -4.10 8.46 -8.56
C GLY B 186 -4.83 8.64 -9.88
N LEU B 187 -6.03 9.20 -9.79
CA LEU B 187 -6.89 9.45 -10.96
C LEU B 187 -7.09 10.97 -11.14
N PRO B 188 -6.16 11.64 -11.86
CA PRO B 188 -6.31 13.08 -12.03
C PRO B 188 -7.48 13.38 -12.95
N GLU B 189 -8.19 14.47 -12.64
CA GLU B 189 -9.33 14.96 -13.40
C GLU B 189 -9.00 15.11 -14.89
N LYS B 190 -7.78 15.60 -15.21
CA LYS B 190 -7.32 15.76 -16.61
C LYS B 190 -7.27 14.44 -17.41
N LEU B 191 -6.91 13.33 -16.74
CA LEU B 191 -6.78 11.99 -17.31
C LEU B 191 -8.10 11.24 -17.40
N ALA B 192 -9.15 11.66 -16.65
CA ALA B 192 -10.46 10.99 -16.67
C ALA B 192 -11.09 11.14 -18.04
N GLN B 193 -11.48 10.02 -18.67
CA GLN B 193 -12.10 10.07 -20.01
C GLN B 193 -13.50 10.66 -19.88
N LYS B 194 -13.77 11.69 -20.67
CA LYS B 194 -15.04 12.44 -20.63
C LYS B 194 -16.15 11.82 -21.51
N ASN B 195 -16.30 10.50 -21.39
CA ASN B 195 -17.27 9.70 -22.12
C ASN B 195 -18.71 9.83 -21.54
N PRO B 196 -19.74 9.16 -22.16
CA PRO B 196 -21.11 9.26 -21.62
C PRO B 196 -21.33 8.84 -20.17
N MET B 197 -20.53 7.90 -19.65
CA MET B 197 -20.67 7.48 -18.25
C MET B 197 -20.13 8.58 -17.35
N TYR B 198 -19.01 9.21 -17.73
CA TYR B 198 -18.43 10.32 -16.97
C TYR B 198 -19.45 11.47 -16.91
N GLN B 199 -20.09 11.78 -18.05
CA GLN B 199 -21.05 12.87 -18.17
C GLN B 199 -22.27 12.65 -17.27
N LYS B 200 -22.76 11.40 -17.29
CA LYS B 200 -23.91 10.98 -16.48
C LYS B 200 -23.58 11.08 -15.01
N GLU B 201 -22.39 10.57 -14.62
CA GLU B 201 -21.99 10.57 -13.21
C GLU B 201 -21.79 11.98 -12.70
N ARG B 202 -21.13 12.83 -13.49
CA ARG B 202 -20.83 14.19 -13.05
C ARG B 202 -21.99 15.14 -13.06
N GLU B 203 -23.17 14.68 -13.50
CA GLU B 203 -24.38 15.51 -13.54
C GLU B 203 -24.82 16.05 -12.19
N THR B 204 -24.67 15.23 -11.12
CA THR B 204 -25.09 15.55 -9.75
C THR B 204 -23.87 15.73 -8.85
N PRO B 205 -23.80 16.82 -8.08
CA PRO B 205 -22.58 17.12 -7.32
C PRO B 205 -22.49 16.34 -6.00
N PRO B 206 -21.35 16.44 -5.26
CA PRO B 206 -21.26 15.78 -3.95
C PRO B 206 -22.28 16.37 -3.00
N ARG B 207 -22.92 15.51 -2.18
CA ARG B 207 -23.99 15.92 -1.27
C ARG B 207 -24.26 14.88 -0.19
N PHE B 208 -24.95 15.28 0.89
CA PHE B 208 -25.51 14.34 1.85
C PHE B 208 -26.93 14.11 1.36
N ALA B 209 -27.33 12.83 1.20
CA ALA B 209 -28.69 12.54 0.72
C ALA B 209 -29.69 12.85 1.83
N GLN B 210 -30.91 13.21 1.44
CA GLN B 210 -31.99 13.57 2.37
C GLN B 210 -32.79 12.38 2.77
N HIS B 211 -33.19 12.29 4.05
CA HIS B 211 -34.04 11.21 4.55
C HIS B 211 -35.35 11.15 3.75
N GLY B 212 -35.78 9.95 3.39
CA GLY B 212 -37.03 9.79 2.67
C GLY B 212 -36.88 9.80 1.17
N THR B 213 -35.70 10.16 0.63
CA THR B 213 -35.49 10.06 -0.82
C THR B 213 -35.04 8.65 -1.18
N PHE B 214 -35.14 8.31 -2.46
CA PHE B 214 -34.69 7.02 -2.93
C PHE B 214 -33.19 6.88 -2.66
N GLU B 215 -32.39 7.92 -3.01
CA GLU B 215 -30.96 7.83 -2.87
C GLU B 215 -30.54 7.66 -1.41
N TYR B 216 -31.25 8.27 -0.46
CA TYR B 216 -30.91 8.03 0.94
C TYR B 216 -31.33 6.65 1.39
N GLU B 217 -32.63 6.30 1.18
CA GLU B 217 -33.20 5.05 1.72
C GLU B 217 -32.54 3.83 1.16
N TYR B 218 -32.26 3.86 -0.15
CA TYR B 218 -31.54 2.76 -0.78
C TYR B 218 -30.11 2.67 -0.22
N SER B 219 -29.38 3.83 -0.15
CA SER B 219 -28.00 3.83 0.35
C SER B 219 -27.87 3.30 1.79
N GLN B 220 -28.81 3.69 2.69
CA GLN B 220 -28.77 3.22 4.09
C GLN B 220 -28.98 1.71 4.16
N ARG B 221 -29.90 1.18 3.37
CA ARG B 221 -30.12 -0.26 3.33
C ARG B 221 -28.90 -0.96 2.69
N TRP B 222 -28.21 -0.29 1.72
CA TRP B 222 -26.99 -0.82 1.08
C TRP B 222 -25.91 -0.94 2.14
N LYS B 223 -25.73 0.11 2.97
CA LYS B 223 -24.77 0.12 4.09
C LYS B 223 -24.99 -1.09 5.01
N SER B 224 -26.26 -1.40 5.36
CA SER B 224 -26.59 -2.59 6.16
C SER B 224 -26.12 -3.87 5.47
N LEU B 225 -26.34 -4.01 4.14
CA LEU B 225 -25.88 -5.20 3.43
C LEU B 225 -24.36 -5.23 3.38
N ASP B 226 -23.73 -4.07 3.18
CA ASP B 226 -22.27 -4.00 3.16
C ASP B 226 -21.71 -4.43 4.52
N GLU B 227 -22.32 -3.98 5.62
CA GLU B 227 -21.87 -4.35 6.98
C GLU B 227 -22.04 -5.85 7.19
N MET B 228 -23.18 -6.41 6.73
CA MET B 228 -23.47 -7.85 6.75
C MET B 228 -22.44 -8.70 5.95
N GLU B 229 -22.05 -8.23 4.76
CA GLU B 229 -21.04 -8.90 3.92
C GLU B 229 -19.75 -9.02 4.71
N LYS B 230 -19.31 -7.91 5.36
CA LYS B 230 -18.09 -7.91 6.16
C LYS B 230 -18.16 -8.92 7.31
N GLN B 231 -19.31 -8.97 8.00
CA GLN B 231 -19.55 -9.93 9.10
C GLN B 231 -19.47 -11.35 8.56
N GLN B 232 -20.15 -11.63 7.43
CA GLN B 232 -20.14 -12.96 6.85
C GLN B 232 -18.73 -13.39 6.42
N ARG B 233 -17.96 -12.45 5.83
CA ARG B 233 -16.57 -12.70 5.43
C ARG B 233 -15.78 -13.08 6.67
N GLU B 234 -15.95 -12.31 7.75
CA GLU B 234 -15.24 -12.56 9.01
C GLU B 234 -15.60 -13.90 9.63
N GLN B 235 -16.88 -14.29 9.55
CA GLN B 235 -17.30 -15.61 10.05
C GLN B 235 -16.65 -16.73 9.23
N VAL B 236 -16.52 -16.56 7.90
CA VAL B 236 -15.86 -17.55 7.03
C VAL B 236 -14.40 -17.75 7.53
N GLU B 237 -13.69 -16.64 7.74
CA GLU B 237 -12.31 -16.65 8.22
CA GLU B 237 -12.30 -16.65 8.22
C GLU B 237 -12.22 -17.32 9.59
N LYS B 238 -13.14 -17.00 10.52
CA LYS B 238 -13.14 -17.57 11.86
C LYS B 238 -13.42 -19.06 11.87
N ASN B 239 -14.40 -19.50 11.09
CA ASN B 239 -14.75 -20.91 10.93
C ASN B 239 -13.59 -21.67 10.31
N MET B 240 -12.91 -21.09 9.29
CA MET B 240 -11.79 -21.79 8.65
CA MET B 240 -11.78 -21.80 8.65
C MET B 240 -10.53 -21.76 9.51
N LYS B 241 -10.35 -20.69 10.33
CA LYS B 241 -9.21 -20.62 11.25
C LYS B 241 -9.32 -21.81 12.22
N ASP B 242 -10.54 -22.07 12.74
CA ASP B 242 -10.85 -23.20 13.65
C ASP B 242 -10.52 -24.53 12.96
N ALA B 243 -10.94 -24.70 11.67
CA ALA B 243 -10.67 -25.93 10.92
C ALA B 243 -9.18 -26.13 10.73
N LYS B 244 -8.47 -25.05 10.39
CA LYS B 244 -7.02 -25.01 10.23
C LYS B 244 -6.27 -25.34 11.52
N ASP B 245 -6.73 -24.82 12.66
CA ASP B 245 -6.08 -25.08 13.95
C ASP B 245 -6.26 -26.52 14.40
N LYS B 246 -7.43 -27.14 14.16
CA LYS B 246 -7.67 -28.52 14.56
C LYS B 246 -6.86 -29.51 13.71
N LEU B 247 -6.48 -29.09 12.48
CA LEU B 247 -5.78 -29.92 11.49
C LEU B 247 -4.50 -30.58 12.01
N GLU B 248 -3.71 -29.89 12.83
CA GLU B 248 -2.45 -30.41 13.37
C GLU B 248 -2.66 -31.68 14.20
N SER B 249 -3.65 -31.64 15.13
CA SER B 249 -3.97 -32.77 15.98
C SER B 249 -4.61 -33.90 15.16
N GLU B 250 -5.55 -33.60 14.24
CA GLU B 250 -6.20 -34.63 13.40
C GLU B 250 -5.13 -35.36 12.58
N MET B 251 -4.23 -34.60 11.96
CA MET B 251 -3.16 -35.15 11.10
C MET B 251 -2.17 -35.98 11.92
N GLU B 252 -1.83 -35.51 13.12
CA GLU B 252 -0.91 -36.27 14.01
C GLU B 252 -1.53 -37.62 14.35
N ASP B 253 -2.83 -37.65 14.63
CA ASP B 253 -3.53 -38.89 14.94
C ASP B 253 -3.60 -39.82 13.70
N ALA B 254 -3.88 -39.29 12.52
CA ALA B 254 -4.17 -40.14 11.34
C ALA B 254 -2.98 -40.50 10.47
N TYR B 255 -1.89 -39.74 10.56
CA TYR B 255 -0.74 -39.92 9.67
C TYR B 255 -0.17 -41.31 9.75
N HIS B 256 0.18 -41.86 8.58
CA HIS B 256 0.85 -43.14 8.47
C HIS B 256 1.72 -43.14 7.23
N GLU B 257 2.88 -43.79 7.32
CA GLU B 257 3.83 -43.86 6.21
C GLU B 257 3.29 -44.72 5.10
N HIS B 258 3.81 -44.57 3.87
CA HIS B 258 3.35 -45.40 2.74
C HIS B 258 3.49 -46.87 2.97
N GLN B 259 4.56 -47.31 3.65
CA GLN B 259 4.72 -48.77 3.86
C GLN B 259 3.99 -49.32 5.10
N ALA B 260 3.28 -48.47 5.85
CA ALA B 260 2.64 -48.86 7.11
C ALA B 260 1.64 -50.02 6.97
N ASN B 261 0.75 -50.00 5.96
CA ASN B 261 -0.26 -51.06 5.85
C ASN B 261 -0.30 -51.70 4.47
N LEU B 262 0.58 -52.69 4.22
CA LEU B 262 0.65 -53.38 2.94
C LEU B 262 0.23 -54.84 3.04
N LEU B 263 -0.42 -55.32 1.96
CA LEU B 263 -0.82 -56.69 1.76
C LEU B 263 0.12 -57.21 0.66
ZN ZN C . 1.77 -41.39 -2.17
#